data_4CG6
#
_entry.id   4CG6
#
_cell.length_a   1.000
_cell.length_b   1.000
_cell.length_c   1.000
_cell.angle_alpha   90.00
_cell.angle_beta   90.00
_cell.angle_gamma   90.00
#
_symmetry.space_group_name_H-M   'P 1'
#
loop_
_entity.id
_entity.type
_entity.pdbx_description
1 polymer 'PROTEIN TRANSPORT PROTEIN SEC61 SUBUNIT ALPHA ISOFORM 1'
2 polymer 'PROTEIN TRANSPORT PROTEIN SEC61 SUBUNIT GAMMA'
3 polymer 'PROTEIN TRANSPORT PROTEIN SEC61 SUBUNIT BETA'
4 polymer PEPTIDE
#
loop_
_entity_poly.entity_id
_entity_poly.type
_entity_poly.pdbx_seq_one_letter_code
_entity_poly.pdbx_strand_id
1 'polypeptide(L)'
;MAIKFLEVIKPFCVILPEIQKPERKIQFKEKVLWTAITLFIFLVCCQIPLFGIMSSDSADPFYWMRVILASNRGTLMELG
ISPIVTSGLIMQLLAGAKIIEVGDTPKDRALFNGAQKLFGMIITIGQSIVYVMTGMYGDPSEMGAGICLLITIQLFVAGL
IVLLLDELLQKGYGLGSGISLFIATNICETIVWKAFSPTTVNTGRGMEFEGAIIALFHLLATRTDKVRALREAFYRQNLP
NLMNLIATIFVFAVVIYFQGFRVDLPIKSARYRGQYNTYPIKLFYTSNIPIILQSALVSNLYVISQMLSARFSGNLLVSL
LGTWSDTSSGGPARAYPVGGLCHYLSPPESFGSVLEDPVHAVVYIVFMLGSCAFFSKTWIEVSGSSAKDVAKQLKEQQMV
MRGHRETSMVHELNRYIPTAAAFGGLCIGALSVLADFLGAIGSGTGILLAVTIIYQYFEIFVKEQSEVGSMGALLF
;
A
2 'polypeptide(L)' MDQVMQFVEPSRQFVKDSIRLVKRCTKPDRKEFQKIAMATAIGFAIMGFIGFFVKLIHIPINNIIVGG B
3 'polypeptide(L)'
;MPGPTPSGTNVGSSGRSPSKAVAARAAGSTVRQRKNASCGTRSAGRTTSAGTGGMWRFYTEDSPGLKVGPVPVLVMSLLF
IASVFMLHIWGKYTRS
;
C
4 'polypeptide(L)' VFIVSVGSFISVLFIVI D
#
# COMPACT_ATOMS: atom_id res chain seq x y z
N LYS A 25 -16.26 15.84 -6.78
CA LYS A 25 -15.72 16.82 -7.74
C LYS A 25 -14.26 16.56 -7.96
N ILE A 26 -13.80 16.77 -9.22
CA ILE A 26 -12.41 16.70 -9.60
C ILE A 26 -11.72 17.94 -9.04
N GLN A 27 -10.38 17.86 -8.85
CA GLN A 27 -9.49 18.84 -8.28
C GLN A 27 -8.47 17.99 -7.61
N PHE A 28 -7.19 18.16 -8.02
CA PHE A 28 -6.04 17.48 -7.47
C PHE A 28 -5.86 17.81 -6.02
N LYS A 29 -6.09 19.09 -5.65
CA LYS A 29 -6.02 19.55 -4.29
C LYS A 29 -7.02 18.87 -3.38
N GLU A 30 -8.28 18.70 -3.84
CA GLU A 30 -9.31 18.07 -3.03
C GLU A 30 -9.05 16.63 -2.71
N LYS A 31 -8.58 15.82 -3.70
CA LYS A 31 -8.38 14.39 -3.53
C LYS A 31 -7.31 14.05 -2.53
N VAL A 32 -6.17 14.79 -2.53
CA VAL A 32 -5.10 14.64 -1.58
C VAL A 32 -5.52 14.97 -0.16
N LEU A 33 -6.33 16.05 0.01
CA LEU A 33 -6.84 16.52 1.28
C LEU A 33 -7.77 15.53 1.93
N TRP A 34 -8.65 14.85 1.15
CA TRP A 34 -9.59 13.88 1.69
C TRP A 34 -8.88 12.71 2.32
N THR A 35 -7.81 12.23 1.65
CA THR A 35 -6.96 11.15 2.10
C THR A 35 -6.27 11.52 3.39
N ALA A 36 -5.81 12.79 3.53
CA ALA A 36 -5.16 13.29 4.72
C ALA A 36 -6.03 13.32 5.96
N ILE A 37 -7.31 13.76 5.86
CA ILE A 37 -8.22 13.83 6.99
C ILE A 37 -8.53 12.47 7.56
N THR A 38 -8.76 11.47 6.66
CA THR A 38 -8.96 10.06 6.97
C THR A 38 -7.81 9.45 7.72
N LEU A 39 -6.57 9.87 7.34
CA LEU A 39 -5.30 9.30 7.72
C LEU A 39 -5.09 9.32 9.21
N PHE A 40 -5.49 10.44 9.86
CA PHE A 40 -5.36 10.64 11.29
C PHE A 40 -6.24 9.69 12.08
N ILE A 41 -7.51 9.47 11.63
CA ILE A 41 -8.50 8.68 12.35
C ILE A 41 -8.11 7.22 12.43
N PHE A 42 -7.29 6.74 11.47
CA PHE A 42 -6.65 5.45 11.42
C PHE A 42 -5.80 5.16 12.64
N LEU A 43 -5.12 6.17 13.20
CA LEU A 43 -4.17 6.02 14.27
C LEU A 43 -4.91 6.08 15.58
N VAL A 44 -5.93 6.97 15.71
CA VAL A 44 -6.74 7.12 16.91
C VAL A 44 -7.50 5.84 17.24
N CYS A 45 -8.01 5.14 16.20
CA CYS A 45 -8.70 3.87 16.30
C CYS A 45 -7.82 2.74 16.78
N CYS A 46 -6.55 2.72 16.32
CA CYS A 46 -5.60 1.61 16.30
C CYS A 46 -5.34 0.96 17.65
N GLN A 47 -5.24 1.77 18.73
CA GLN A 47 -4.75 1.40 20.03
C GLN A 47 -5.57 0.33 20.73
N ILE A 48 -6.92 0.39 20.68
CA ILE A 48 -7.83 -0.62 21.22
C ILE A 48 -7.70 -1.97 20.49
N PRO A 49 -7.55 -2.08 19.16
CA PRO A 49 -7.27 -3.32 18.44
C PRO A 49 -5.98 -3.96 18.84
N LEU A 50 -4.91 -3.16 19.12
CA LEU A 50 -3.59 -3.51 19.62
C LEU A 50 -3.67 -4.50 20.77
N PHE A 51 -3.27 -4.14 22.02
CA PHE A 51 -3.59 -4.99 23.14
C PHE A 51 -4.62 -4.27 23.95
N GLY A 52 -5.77 -4.97 24.15
CA GLY A 52 -6.79 -4.62 25.09
C GLY A 52 -6.97 -5.84 25.92
N ILE A 53 -6.98 -5.68 27.27
CA ILE A 53 -7.19 -6.69 28.28
C ILE A 53 -6.21 -7.84 28.17
N MET A 54 -6.69 -9.10 28.21
CA MET A 54 -5.89 -10.30 28.10
C MET A 54 -5.79 -10.82 26.68
N SER A 55 -6.43 -10.14 25.69
CA SER A 55 -6.65 -10.67 24.36
C SER A 55 -5.37 -11.00 23.62
N SER A 56 -5.38 -12.15 22.90
CA SER A 56 -4.26 -12.64 22.15
C SER A 56 -4.77 -13.08 20.80
N ASP A 57 -3.85 -13.10 19.82
CA ASP A 57 -4.06 -13.62 18.49
C ASP A 57 -3.10 -14.77 18.36
N SER A 58 -3.59 -15.92 17.82
CA SER A 58 -2.79 -17.11 17.69
C SER A 58 -2.55 -17.27 16.21
N ALA A 59 -1.25 -17.48 15.87
CA ALA A 59 -0.57 -17.43 14.58
C ALA A 59 -0.99 -16.35 13.60
N ASP A 60 -0.21 -16.29 12.48
CA ASP A 60 -0.24 -15.34 11.39
C ASP A 60 1.19 -15.02 10.94
N PRO A 61 2.12 -14.34 11.66
CA PRO A 61 3.51 -14.11 11.30
C PRO A 61 4.03 -14.17 9.88
N PHE A 62 4.44 -12.98 9.38
CA PHE A 62 5.27 -12.74 8.23
C PHE A 62 5.22 -11.24 8.11
N TYR A 63 5.78 -10.69 7.00
CA TYR A 63 6.29 -9.35 6.94
C TYR A 63 5.84 -8.72 5.66
N TRP A 64 6.08 -9.43 4.53
CA TRP A 64 5.73 -9.04 3.18
C TRP A 64 4.25 -8.85 3.07
N MET A 65 3.46 -9.80 3.64
CA MET A 65 2.02 -9.74 3.71
C MET A 65 1.60 -8.59 4.57
N ARG A 66 2.29 -8.35 5.71
CA ARG A 66 1.96 -7.35 6.69
C ARG A 66 2.05 -5.93 6.17
N VAL A 67 3.09 -5.55 5.38
CA VAL A 67 3.21 -4.24 4.77
C VAL A 67 2.10 -3.94 3.78
N ILE A 68 1.67 -4.97 3.00
CA ILE A 68 0.55 -4.90 2.07
C ILE A 68 -0.75 -4.69 2.81
N LEU A 69 -0.93 -5.48 3.89
CA LEU A 69 -2.13 -5.62 4.68
C LEU A 69 -2.45 -4.30 5.31
N ALA A 70 -1.41 -3.73 5.97
CA ALA A 70 -1.16 -2.38 6.37
C ALA A 70 -1.57 -1.25 5.46
N SER A 71 -2.87 -1.09 5.16
CA SER A 71 -3.41 0.19 4.74
C SER A 71 -3.65 0.99 5.99
N ASN A 72 -2.55 1.45 6.64
CA ASN A 72 -2.54 2.24 7.84
C ASN A 72 -2.67 1.35 9.07
N ARG A 73 -2.58 0.01 8.90
CA ARG A 73 -3.02 -0.93 9.90
C ARG A 73 -1.87 -1.78 10.32
N GLY A 74 -1.64 -1.93 11.65
CA GLY A 74 -0.70 -2.92 12.10
C GLY A 74 -1.13 -3.39 13.45
N THR A 75 -0.71 -4.64 13.77
CA THR A 75 -0.62 -5.31 15.04
C THR A 75 -0.84 -6.77 14.72
N LEU A 76 -0.98 -7.63 15.75
CA LEU A 76 -1.17 -9.06 15.70
C LEU A 76 -2.42 -9.52 14.97
N MET A 77 -3.54 -8.78 15.07
CA MET A 77 -4.83 -9.20 14.53
C MET A 77 -4.99 -8.64 13.15
N GLU A 78 -5.18 -9.52 12.16
CA GLU A 78 -5.21 -9.25 10.74
C GLU A 78 -6.44 -8.53 10.27
N LEU A 79 -6.28 -7.79 9.15
CA LEU A 79 -7.30 -7.30 8.23
C LEU A 79 -8.33 -6.34 8.79
N GLY A 80 -7.96 -5.44 9.73
CA GLY A 80 -8.88 -4.42 10.18
C GLY A 80 -9.33 -3.40 9.16
N ILE A 81 -8.38 -2.81 8.39
CA ILE A 81 -8.63 -1.75 7.41
C ILE A 81 -8.82 -2.33 6.02
N SER A 82 -8.67 -3.66 5.83
CA SER A 82 -8.58 -4.28 4.52
C SER A 82 -9.79 -4.13 3.61
N PRO A 83 -11.07 -4.29 3.94
CA PRO A 83 -12.17 -4.00 3.02
C PRO A 83 -12.17 -2.61 2.40
N ILE A 84 -11.68 -1.59 3.13
CA ILE A 84 -11.68 -0.19 2.74
C ILE A 84 -10.79 0.13 1.55
N VAL A 85 -9.56 -0.44 1.49
CA VAL A 85 -8.62 -0.29 0.40
C VAL A 85 -9.20 -0.85 -0.89
N THR A 86 -9.89 -1.99 -0.76
CA THR A 86 -10.53 -2.77 -1.79
C THR A 86 -11.63 -1.99 -2.48
N SER A 87 -12.38 -1.14 -1.74
CA SER A 87 -13.61 -0.50 -2.16
C SER A 87 -13.44 0.34 -3.39
N GLY A 88 -12.29 1.05 -3.52
CA GLY A 88 -11.96 1.88 -4.66
C GLY A 88 -11.86 1.10 -5.96
N LEU A 89 -11.27 -0.12 -5.93
CA LEU A 89 -11.22 -1.02 -7.06
C LEU A 89 -12.59 -1.49 -7.51
N ILE A 90 -13.53 -1.74 -6.55
CA ILE A 90 -14.90 -2.14 -6.79
C ILE A 90 -15.65 -1.10 -7.58
N MET A 91 -15.42 0.20 -7.28
CA MET A 91 -16.00 1.32 -7.98
C MET A 91 -15.58 1.34 -9.44
N GLN A 92 -14.29 1.04 -9.74
CA GLN A 92 -13.76 0.94 -11.09
C GLN A 92 -14.32 -0.23 -11.89
N LEU A 93 -14.81 -1.28 -11.19
CA LEU A 93 -15.28 -2.55 -11.72
C LEU A 93 -16.48 -2.42 -12.63
N LEU A 94 -17.25 -1.31 -12.54
CA LEU A 94 -18.61 -1.27 -13.01
C LEU A 94 -18.86 0.09 -13.60
N ALA A 95 -18.34 1.16 -12.96
CA ALA A 95 -18.53 2.54 -13.38
C ALA A 95 -18.03 2.79 -14.77
N GLY A 96 -16.85 2.19 -15.11
CA GLY A 96 -16.28 2.28 -16.43
C GLY A 96 -16.07 0.87 -16.91
N ALA A 97 -17.19 0.12 -17.12
CA ALA A 97 -17.15 -1.23 -17.65
C ALA A 97 -18.03 -1.27 -18.87
N LYS A 98 -18.91 -2.30 -18.96
CA LYS A 98 -20.01 -2.52 -19.88
C LYS A 98 -19.65 -3.71 -20.71
N ILE A 99 -20.60 -4.69 -20.82
CA ILE A 99 -20.55 -5.85 -21.70
C ILE A 99 -21.78 -6.67 -21.37
N ILE A 100 -21.69 -7.64 -20.43
CA ILE A 100 -22.67 -8.60 -19.95
C ILE A 100 -24.03 -8.07 -19.53
N GLU A 101 -24.86 -7.65 -20.52
CA GLU A 101 -26.23 -7.14 -20.47
C GLU A 101 -26.96 -7.26 -19.16
N VAL A 102 -27.38 -6.09 -18.63
CA VAL A 102 -28.03 -5.82 -17.37
C VAL A 102 -27.77 -4.34 -17.12
N GLY A 103 -27.20 -3.63 -18.13
CA GLY A 103 -27.13 -2.19 -18.21
C GLY A 103 -28.50 -1.59 -18.14
N ASP A 104 -28.68 -0.57 -17.25
CA ASP A 104 -29.91 0.18 -17.07
C ASP A 104 -30.90 -0.57 -16.22
N THR A 105 -30.45 -1.71 -15.62
CA THR A 105 -31.06 -2.75 -14.79
C THR A 105 -32.60 -2.82 -14.69
N PRO A 106 -33.26 -4.00 -14.80
CA PRO A 106 -34.72 -4.16 -14.74
C PRO A 106 -35.41 -3.70 -13.46
N LYS A 107 -34.67 -3.21 -12.43
CA LYS A 107 -35.07 -2.29 -11.38
C LYS A 107 -36.22 -1.37 -11.75
N ASP A 108 -37.18 -1.11 -10.81
CA ASP A 108 -38.19 -0.07 -10.94
C ASP A 108 -37.56 1.32 -10.97
N ARG A 109 -38.35 2.42 -10.78
CA ARG A 109 -37.98 3.81 -11.04
C ARG A 109 -37.02 3.95 -12.21
N ALA A 110 -35.72 4.19 -11.89
CA ALA A 110 -34.56 4.04 -12.75
C ALA A 110 -33.47 4.79 -12.04
N LEU A 111 -32.44 5.22 -12.81
CA LEU A 111 -31.28 5.96 -12.39
C LEU A 111 -30.18 4.94 -12.30
N PHE A 112 -29.28 4.88 -13.32
CA PHE A 112 -28.17 3.94 -13.32
C PHE A 112 -27.01 4.69 -12.68
N ASN A 113 -25.74 4.48 -13.13
CA ASN A 113 -24.44 4.81 -12.54
C ASN A 113 -24.28 4.84 -11.02
N GLY A 114 -25.14 5.56 -10.29
CA GLY A 114 -25.34 5.55 -8.87
C GLY A 114 -25.82 4.21 -8.39
N ALA A 115 -26.68 3.52 -9.20
CA ALA A 115 -27.13 2.17 -8.97
C ALA A 115 -25.99 1.18 -8.99
N GLN A 116 -25.03 1.34 -9.94
CA GLN A 116 -23.83 0.54 -10.05
C GLN A 116 -22.94 0.72 -8.84
N LYS A 117 -22.82 1.98 -8.37
CA LYS A 117 -22.08 2.38 -7.19
C LYS A 117 -22.63 1.74 -5.95
N LEU A 118 -23.98 1.65 -5.84
CA LEU A 118 -24.70 1.02 -4.75
C LEU A 118 -24.39 -0.45 -4.67
N PHE A 119 -24.32 -1.13 -5.84
CA PHE A 119 -23.97 -2.52 -5.99
C PHE A 119 -22.56 -2.77 -5.50
N GLY A 120 -21.64 -1.83 -5.80
CA GLY A 120 -20.25 -1.82 -5.39
C GLY A 120 -20.08 -1.88 -3.89
N MET A 121 -20.91 -1.11 -3.16
CA MET A 121 -20.93 -1.04 -1.71
C MET A 121 -21.29 -2.39 -1.11
N ILE A 122 -22.26 -3.10 -1.72
CA ILE A 122 -22.76 -4.40 -1.30
C ILE A 122 -21.65 -5.43 -1.36
N ILE A 123 -20.80 -5.41 -2.41
CA ILE A 123 -19.69 -6.33 -2.58
C ILE A 123 -18.68 -6.16 -1.46
N THR A 124 -18.39 -4.90 -1.05
CA THR A 124 -17.47 -4.59 0.02
C THR A 124 -17.94 -5.15 1.35
N ILE A 125 -19.26 -5.03 1.62
CA ILE A 125 -19.91 -5.51 2.84
C ILE A 125 -19.83 -7.01 2.93
N GLY A 126 -20.00 -7.74 1.80
CA GLY A 126 -19.98 -9.19 1.75
C GLY A 126 -18.66 -9.78 2.15
N GLN A 127 -17.56 -9.12 1.71
CA GLN A 127 -16.18 -9.46 2.01
C GLN A 127 -15.89 -9.35 3.49
N SER A 128 -16.47 -8.31 4.15
CA SER A 128 -16.24 -7.95 5.53
C SER A 128 -16.81 -8.99 6.44
N ILE A 129 -18.06 -9.43 6.17
CA ILE A 129 -18.88 -10.29 7.00
C ILE A 129 -18.21 -11.61 7.28
N VAL A 130 -17.60 -12.26 6.25
CA VAL A 130 -17.01 -13.57 6.42
C VAL A 130 -15.90 -13.63 7.47
N TYR A 131 -15.00 -12.62 7.52
CA TYR A 131 -13.94 -12.57 8.51
C TYR A 131 -14.44 -12.41 9.93
N VAL A 132 -15.39 -11.47 10.13
CA VAL A 132 -16.05 -11.16 11.37
C VAL A 132 -16.98 -12.26 11.78
N MET A 133 -17.19 -12.45 13.11
CA MET A 133 -18.15 -13.44 13.58
C MET A 133 -19.53 -12.91 13.29
N THR A 134 -20.49 -13.83 13.07
CA THR A 134 -21.86 -13.56 12.75
C THR A 134 -22.68 -14.49 13.60
N GLY A 135 -23.97 -14.16 13.82
CA GLY A 135 -24.92 -14.93 14.60
C GLY A 135 -25.15 -16.29 14.02
N MET A 136 -25.40 -17.29 14.90
CA MET A 136 -25.38 -18.73 14.69
C MET A 136 -26.40 -19.16 13.65
N TYR A 137 -27.59 -18.53 13.66
CA TYR A 137 -28.67 -18.83 12.76
C TYR A 137 -28.55 -17.82 11.65
N GLY A 138 -28.47 -18.29 10.38
CA GLY A 138 -28.12 -17.45 9.26
C GLY A 138 -26.63 -17.28 9.07
N ASP A 139 -25.80 -17.99 9.87
CA ASP A 139 -24.36 -17.83 9.84
C ASP A 139 -23.58 -18.18 8.56
N PRO A 140 -23.70 -19.24 7.72
CA PRO A 140 -23.08 -19.27 6.40
C PRO A 140 -21.63 -18.86 6.24
N SER A 141 -20.75 -19.31 7.17
CA SER A 141 -19.35 -19.00 7.22
C SER A 141 -18.85 -19.63 8.50
N GLU A 142 -17.56 -19.36 8.86
CA GLU A 142 -16.95 -19.72 10.11
C GLU A 142 -16.61 -21.19 10.14
N MET A 143 -16.33 -21.71 11.35
CA MET A 143 -15.96 -23.07 11.70
C MET A 143 -14.49 -23.33 11.50
N GLY A 144 -13.73 -22.26 11.14
CA GLY A 144 -12.31 -22.31 10.91
C GLY A 144 -11.71 -21.26 11.80
N ALA A 145 -11.06 -20.25 11.18
CA ALA A 145 -10.41 -19.17 11.87
C ALA A 145 -11.12 -17.92 11.43
N GLY A 146 -11.39 -17.01 12.40
CA GLY A 146 -12.18 -15.85 12.13
C GLY A 146 -12.26 -15.09 13.41
N ILE A 147 -13.51 -14.83 13.88
CA ILE A 147 -13.85 -13.99 15.01
C ILE A 147 -13.38 -12.58 14.71
N CYS A 148 -12.68 -11.88 15.64
CA CYS A 148 -12.20 -10.53 15.42
C CYS A 148 -13.30 -9.56 15.04
N LEU A 149 -14.44 -9.61 15.77
CA LEU A 149 -15.65 -8.92 15.38
C LEU A 149 -15.63 -7.60 16.08
N LEU A 150 -15.33 -7.61 17.40
CA LEU A 150 -15.07 -6.41 18.17
C LEU A 150 -13.82 -5.72 17.66
N ILE A 151 -12.76 -6.50 17.38
CA ILE A 151 -11.45 -6.02 17.01
C ILE A 151 -11.46 -5.27 15.70
N THR A 152 -12.21 -5.76 14.68
CA THR A 152 -12.40 -5.12 13.39
C THR A 152 -13.11 -3.80 13.51
N ILE A 153 -14.11 -3.69 14.43
CA ILE A 153 -15.12 -2.65 14.43
C ILE A 153 -14.57 -1.26 14.61
N GLN A 154 -13.53 -1.06 15.47
CA GLN A 154 -12.95 0.25 15.71
C GLN A 154 -12.27 0.78 14.47
N LEU A 155 -11.56 -0.09 13.71
CA LEU A 155 -10.97 0.24 12.42
C LEU A 155 -12.03 0.58 11.41
N PHE A 156 -13.19 -0.11 11.49
CA PHE A 156 -14.35 0.06 10.64
C PHE A 156 -14.95 1.45 10.75
N VAL A 157 -14.78 2.16 11.90
CA VAL A 157 -15.35 3.46 12.20
C VAL A 157 -14.53 4.52 11.49
N ALA A 158 -13.20 4.29 11.40
CA ALA A 158 -12.21 5.13 10.79
C ALA A 158 -12.38 5.03 9.30
N GLY A 159 -12.65 3.79 8.83
CA GLY A 159 -12.69 3.35 7.47
C GLY A 159 -14.09 3.52 6.93
N LEU A 160 -15.05 3.93 7.80
CA LEU A 160 -16.43 4.17 7.48
C LEU A 160 -16.46 5.56 6.95
N ILE A 161 -15.74 6.51 7.59
CA ILE A 161 -15.60 7.87 7.11
C ILE A 161 -14.96 7.90 5.73
N VAL A 162 -14.05 6.94 5.40
CA VAL A 162 -13.50 6.78 4.06
C VAL A 162 -14.55 6.35 3.08
N LEU A 163 -15.41 5.37 3.48
CA LEU A 163 -16.42 4.75 2.66
C LEU A 163 -17.48 5.73 2.28
N LEU A 164 -17.92 6.56 3.25
CA LEU A 164 -18.94 7.58 3.15
C LEU A 164 -18.47 8.71 2.27
N LEU A 165 -17.17 9.08 2.36
CA LEU A 165 -16.53 10.08 1.52
C LEU A 165 -16.59 9.64 0.08
N ASP A 166 -16.32 8.33 -0.17
CA ASP A 166 -16.33 7.71 -1.47
C ASP A 166 -17.71 7.74 -2.07
N GLU A 167 -18.79 7.51 -1.26
CA GLU A 167 -20.15 7.48 -1.76
C GLU A 167 -20.60 8.82 -2.29
N LEU A 168 -20.35 9.91 -1.51
CA LEU A 168 -20.82 11.24 -1.78
C LEU A 168 -20.09 11.85 -2.96
N LEU A 169 -18.74 11.83 -2.90
CA LEU A 169 -17.83 12.46 -3.84
C LEU A 169 -17.96 11.88 -5.21
N GLN A 170 -18.09 10.53 -5.29
CA GLN A 170 -18.12 9.77 -6.52
C GLN A 170 -19.37 10.07 -7.31
N LYS A 171 -20.57 9.90 -6.69
CA LYS A 171 -21.86 9.99 -7.35
C LYS A 171 -21.93 9.18 -8.65
N GLY A 172 -21.36 7.95 -8.62
CA GLY A 172 -21.25 7.01 -9.70
C GLY A 172 -20.11 7.19 -10.68
N TYR A 173 -19.29 8.27 -10.61
CA TYR A 173 -18.00 8.31 -11.29
C TYR A 173 -16.96 8.88 -10.35
N GLY A 174 -15.87 8.12 -10.07
CA GLY A 174 -14.92 8.53 -9.06
C GLY A 174 -13.61 7.84 -9.30
N LEU A 175 -12.54 8.41 -8.70
CA LEU A 175 -11.18 8.00 -8.91
C LEU A 175 -10.51 8.22 -7.57
N GLY A 176 -9.80 9.36 -7.37
CA GLY A 176 -9.19 9.66 -6.10
C GLY A 176 -7.75 9.21 -6.06
N SER A 177 -6.95 9.83 -5.16
CA SER A 177 -5.54 9.56 -5.02
C SER A 177 -5.31 8.65 -3.84
N GLY A 178 -6.41 8.11 -3.24
CA GLY A 178 -6.36 7.05 -2.26
C GLY A 178 -5.84 5.80 -2.90
N ILE A 179 -5.06 5.01 -2.10
CA ILE A 179 -4.16 3.95 -2.50
C ILE A 179 -2.88 4.24 -1.76
N SER A 180 -2.06 5.19 -2.25
CA SER A 180 -0.67 5.31 -1.91
C SER A 180 -0.42 5.77 -0.51
N LEU A 181 -1.07 6.87 -0.05
CA LEU A 181 -0.70 7.53 1.19
C LEU A 181 -0.86 6.69 2.42
N PHE A 182 -1.97 5.93 2.57
CA PHE A 182 -2.24 5.13 3.74
C PHE A 182 -1.21 4.05 4.01
N ILE A 183 -0.85 3.25 2.97
CA ILE A 183 0.12 2.18 3.06
C ILE A 183 1.49 2.71 3.43
N ALA A 184 1.87 3.85 2.80
CA ALA A 184 3.14 4.51 2.92
C ALA A 184 3.41 5.01 4.33
N THR A 185 2.39 5.62 4.96
CA THR A 185 2.41 6.21 6.29
C THR A 185 2.74 5.19 7.34
N ASN A 186 2.16 3.96 7.22
CA ASN A 186 2.09 2.99 8.28
C ASN A 186 3.43 2.52 8.76
N ILE A 187 4.41 2.28 7.86
CA ILE A 187 5.65 1.65 8.22
C ILE A 187 6.46 2.49 9.19
N CYS A 188 6.47 3.84 8.98
CA CYS A 188 7.05 4.81 9.88
C CYS A 188 6.49 4.71 11.30
N GLU A 189 5.15 4.54 11.42
CA GLU A 189 4.42 4.29 12.63
C GLU A 189 4.82 3.00 13.30
N THR A 190 5.02 1.92 12.49
CA THR A 190 5.31 0.57 12.91
C THR A 190 6.65 0.49 13.57
N ILE A 191 7.67 1.20 13.05
CA ILE A 191 9.02 1.24 13.57
C ILE A 191 9.00 1.85 14.96
N VAL A 192 8.21 2.93 15.15
CA VAL A 192 7.96 3.56 16.43
C VAL A 192 7.26 2.64 17.40
N TRP A 193 6.25 1.86 16.93
CA TRP A 193 5.48 0.92 17.72
C TRP A 193 6.33 -0.21 18.26
N LYS A 194 7.29 -0.70 17.43
CA LYS A 194 8.29 -1.71 17.72
C LYS A 194 9.22 -1.25 18.82
N ALA A 195 9.54 0.06 18.85
CA ALA A 195 10.43 0.65 19.83
C ALA A 195 9.82 0.58 21.22
N PHE A 196 8.49 0.81 21.34
CA PHE A 196 7.83 0.74 22.63
C PHE A 196 7.34 -0.67 22.93
N SER A 197 7.42 -1.60 21.95
CA SER A 197 7.19 -3.02 22.16
C SER A 197 8.27 -3.61 23.04
N PRO A 198 8.00 -4.60 23.90
CA PRO A 198 9.03 -5.13 24.77
C PRO A 198 9.48 -6.44 24.16
N THR A 199 10.81 -6.55 23.91
CA THR A 199 11.43 -7.67 23.25
C THR A 199 12.09 -8.55 24.28
N THR A 200 11.79 -8.30 25.58
CA THR A 200 12.38 -8.91 26.76
C THR A 200 13.84 -8.54 26.86
N VAL A 201 14.16 -7.31 26.37
CA VAL A 201 15.42 -6.62 26.57
C VAL A 201 15.43 -6.10 28.00
N ASN A 202 16.65 -5.80 28.52
CA ASN A 202 16.87 -5.17 29.80
C ASN A 202 16.33 -3.77 29.78
N THR A 203 16.03 -3.20 30.99
CA THR A 203 15.33 -1.93 31.16
C THR A 203 16.04 -0.83 30.41
N GLY A 204 15.24 0.04 29.75
CA GLY A 204 15.62 0.53 28.45
C GLY A 204 16.80 1.44 28.41
N ARG A 205 17.42 1.45 27.21
CA ARG A 205 18.52 2.24 26.77
C ARG A 205 18.25 3.72 26.80
N GLY A 206 17.03 4.11 26.38
CA GLY A 206 16.58 5.48 26.38
C GLY A 206 16.92 6.26 25.14
N MET A 207 17.59 5.66 24.10
CA MET A 207 17.43 6.10 22.72
C MET A 207 18.29 5.38 21.68
N GLU A 208 19.12 4.34 21.99
CA GLU A 208 19.58 3.43 20.94
C GLU A 208 18.43 2.62 20.39
N PHE A 209 18.46 2.31 19.07
CA PHE A 209 17.56 1.45 18.29
C PHE A 209 16.86 0.23 18.91
N GLU A 210 15.96 0.43 19.90
CA GLU A 210 15.02 -0.53 20.44
C GLU A 210 15.57 -1.58 21.38
N GLY A 211 16.53 -2.43 20.92
CA GLY A 211 16.76 -3.72 21.51
C GLY A 211 18.12 -4.20 21.16
N ALA A 212 18.56 -5.30 21.85
CA ALA A 212 19.77 -6.04 21.56
C ALA A 212 20.99 -5.50 22.24
N ILE A 213 20.83 -4.52 23.15
CA ILE A 213 21.92 -3.83 23.80
C ILE A 213 21.91 -4.17 25.27
N ILE A 214 23.12 -4.48 25.80
CA ILE A 214 23.39 -4.93 27.14
C ILE A 214 23.09 -3.87 28.19
N ALA A 215 22.98 -4.34 29.47
CA ALA A 215 22.64 -3.56 30.63
C ALA A 215 23.59 -2.43 30.99
N LEU A 216 24.92 -2.67 30.85
CA LEU A 216 25.96 -1.71 31.17
C LEU A 216 25.89 -0.51 30.25
N PHE A 217 25.64 -0.78 28.94
CA PHE A 217 25.47 0.19 27.89
C PHE A 217 24.25 1.05 28.12
N HIS A 218 23.14 0.47 28.67
CA HIS A 218 21.83 1.08 28.66
C HIS A 218 21.76 2.38 29.42
N LEU A 219 22.38 2.43 30.62
CA LEU A 219 22.40 3.58 31.50
C LEU A 219 23.11 4.76 30.88
N LEU A 220 24.23 4.49 30.16
CA LEU A 220 24.98 5.44 29.39
C LEU A 220 24.19 6.05 28.24
N ALA A 221 23.44 5.20 27.50
CA ALA A 221 22.86 5.48 26.20
C ALA A 221 21.88 6.61 26.19
N THR A 222 21.11 6.79 27.28
CA THR A 222 20.08 7.79 27.46
C THR A 222 20.66 9.19 27.36
N ARG A 223 21.87 9.40 27.93
CA ARG A 223 22.46 10.67 28.24
C ARG A 223 22.68 11.52 27.01
N THR A 224 23.16 10.92 25.89
CA THR A 224 23.29 11.54 24.58
C THR A 224 24.04 10.52 23.73
N ASP A 225 24.43 10.94 22.50
CA ASP A 225 24.90 10.13 21.40
C ASP A 225 26.17 9.35 21.66
N LYS A 226 27.13 9.91 22.42
CA LYS A 226 28.49 9.38 22.57
C LYS A 226 28.49 7.97 23.07
N VAL A 227 29.40 7.14 22.49
CA VAL A 227 29.41 5.70 22.59
C VAL A 227 28.76 5.32 21.28
N ARG A 228 28.09 4.14 21.13
CA ARG A 228 27.51 3.70 19.87
C ARG A 228 28.62 3.33 18.91
N ALA A 229 28.71 3.98 17.73
CA ALA A 229 29.52 3.58 16.60
C ALA A 229 30.99 3.50 16.93
N LEU A 230 31.50 4.48 17.72
CA LEU A 230 32.85 4.46 18.24
C LEU A 230 32.68 4.30 19.73
N ARG A 231 33.41 3.32 20.33
CA ARG A 231 33.12 2.87 21.67
C ARG A 231 34.30 2.08 22.19
N GLU A 232 34.14 0.84 22.72
CA GLU A 232 35.24 -0.02 23.04
C GLU A 232 34.81 -1.47 22.98
N ALA A 233 33.52 -1.74 22.62
CA ALA A 233 32.87 -3.03 22.65
C ALA A 233 31.42 -2.74 22.96
N PHE A 234 30.51 -3.29 22.12
CA PHE A 234 29.08 -3.09 22.26
C PHE A 234 28.39 -4.17 21.47
N TYR A 235 27.07 -4.42 21.76
CA TYR A 235 26.18 -4.97 20.76
C TYR A 235 26.54 -6.44 20.47
N ARG A 236 26.05 -7.02 19.33
CA ARG A 236 26.54 -8.26 18.76
C ARG A 236 25.85 -9.49 19.30
N GLN A 237 24.95 -9.32 20.30
CA GLN A 237 24.25 -10.41 20.96
C GLN A 237 23.31 -11.14 20.02
N ASN A 238 22.63 -10.39 19.12
CA ASN A 238 21.57 -10.86 18.26
C ASN A 238 20.96 -9.58 17.76
N LEU A 239 21.58 -9.01 16.70
CA LEU A 239 21.34 -7.65 16.30
C LEU A 239 19.96 -7.15 15.88
N PRO A 240 19.04 -7.74 15.07
CA PRO A 240 17.81 -7.13 14.58
C PRO A 240 17.67 -5.67 14.15
N ASN A 241 18.65 -4.77 14.38
CA ASN A 241 18.39 -3.35 14.38
C ASN A 241 19.47 -2.58 13.71
N LEU A 242 20.69 -3.15 13.51
CA LEU A 242 21.70 -2.52 12.69
C LEU A 242 21.34 -2.75 11.25
N MET A 243 20.55 -3.83 11.02
CA MET A 243 19.93 -4.20 9.78
C MET A 243 18.90 -3.18 9.36
N ASN A 244 18.21 -2.51 10.34
CA ASN A 244 17.20 -1.51 10.05
C ASN A 244 17.78 -0.28 9.41
N LEU A 245 18.93 0.24 9.93
CA LEU A 245 19.52 1.46 9.44
C LEU A 245 20.02 1.34 8.02
N ILE A 246 20.70 0.22 7.67
CA ILE A 246 21.32 0.06 6.37
C ILE A 246 20.31 -0.30 5.30
N ALA A 247 19.11 -0.78 5.70
CA ALA A 247 18.04 -1.18 4.83
C ALA A 247 17.51 -0.08 3.96
N THR A 248 17.32 1.11 4.59
CA THR A 248 16.68 2.27 4.01
C THR A 248 17.56 2.84 2.94
N ILE A 249 18.90 2.81 3.17
CA ILE A 249 19.94 3.41 2.37
C ILE A 249 19.99 2.77 0.99
N PHE A 250 19.77 1.43 0.91
CA PHE A 250 19.87 0.68 -0.33
C PHE A 250 18.83 1.14 -1.32
N VAL A 251 17.57 1.35 -0.86
CA VAL A 251 16.48 1.86 -1.64
C VAL A 251 16.68 3.31 -2.00
N PHE A 252 17.21 4.11 -1.03
CA PHE A 252 17.26 5.55 -1.03
C PHE A 252 18.00 6.12 -2.22
N ALA A 253 19.17 5.52 -2.56
CA ALA A 253 20.03 6.02 -3.60
C ALA A 253 19.47 5.81 -4.99
N VAL A 254 18.83 4.65 -5.25
CA VAL A 254 18.42 4.29 -6.59
C VAL A 254 17.09 4.89 -6.98
N VAL A 255 16.18 5.12 -6.00
CA VAL A 255 14.85 5.64 -6.25
C VAL A 255 14.89 7.06 -6.77
N ILE A 256 15.76 7.91 -6.18
CA ILE A 256 15.91 9.30 -6.52
C ILE A 256 16.51 9.47 -7.90
N TYR A 257 17.41 8.55 -8.32
CA TYR A 257 18.04 8.53 -9.64
C TYR A 257 17.05 8.33 -10.75
N PHE A 258 15.98 7.52 -10.49
CA PHE A 258 15.07 7.11 -11.54
C PHE A 258 13.87 8.02 -11.54
N GLN A 259 13.84 9.00 -10.61
CA GLN A 259 12.88 10.08 -10.61
C GLN A 259 13.56 11.28 -11.21
N GLY A 260 14.41 11.07 -12.25
CA GLY A 260 15.23 12.11 -12.83
C GLY A 260 15.24 12.03 -14.31
N PHE A 261 15.14 10.80 -14.88
CA PHE A 261 15.06 10.54 -16.30
C PHE A 261 13.76 11.13 -16.80
N ARG A 262 13.75 11.77 -17.99
CA ARG A 262 12.54 12.37 -18.52
C ARG A 262 12.72 12.52 -20.00
N VAL A 263 11.57 12.68 -20.73
CA VAL A 263 11.53 12.96 -22.14
C VAL A 263 10.71 14.22 -22.24
N ASP A 264 11.22 15.23 -22.97
CA ASP A 264 10.58 16.53 -23.08
C ASP A 264 10.12 16.80 -24.49
N LEU A 265 10.95 17.48 -25.32
CA LEU A 265 10.65 17.97 -26.65
C LEU A 265 9.46 18.93 -26.89
N PRO A 266 9.09 19.98 -26.12
CA PRO A 266 7.95 20.83 -26.46
C PRO A 266 8.44 22.22 -26.81
N ILE A 267 7.97 22.82 -27.93
CA ILE A 267 8.44 24.13 -28.30
C ILE A 267 7.25 24.92 -28.78
N LYS A 268 7.35 26.27 -28.68
CA LYS A 268 6.46 27.27 -29.24
C LYS A 268 5.20 27.39 -28.41
N SER A 269 5.18 26.70 -27.24
CA SER A 269 4.03 26.14 -26.56
C SER A 269 2.99 27.11 -26.09
N ALA A 270 1.75 26.58 -25.90
CA ALA A 270 0.59 27.23 -25.32
C ALA A 270 -0.20 27.94 -26.36
N ARG A 271 0.06 27.63 -27.66
CA ARG A 271 -0.40 28.34 -28.83
C ARG A 271 0.61 29.44 -29.03
N TYR A 272 0.14 30.53 -29.65
CA TYR A 272 0.76 31.82 -29.77
C TYR A 272 0.63 32.48 -28.41
N ARG A 273 1.25 33.69 -28.20
CA ARG A 273 1.85 34.14 -26.96
C ARG A 273 3.23 33.53 -26.81
N GLY A 274 3.37 32.26 -27.23
CA GLY A 274 4.58 31.56 -27.55
C GLY A 274 5.34 30.98 -26.39
N GLN A 275 5.66 31.76 -25.33
CA GLN A 275 6.10 31.34 -24.00
C GLN A 275 6.02 29.85 -23.69
N TYR A 276 7.14 29.26 -23.20
CA TYR A 276 7.29 27.84 -23.08
C TYR A 276 7.55 27.38 -21.67
N ASN A 277 6.76 26.37 -21.22
CA ASN A 277 7.05 25.64 -20.01
C ASN A 277 7.15 24.21 -20.48
N THR A 278 8.25 23.54 -20.05
CA THR A 278 8.60 22.17 -20.39
C THR A 278 7.56 21.21 -19.84
N TYR A 279 7.25 20.14 -20.63
CA TYR A 279 6.30 19.10 -20.29
C TYR A 279 7.09 17.92 -19.73
N PRO A 280 6.86 17.42 -18.50
CA PRO A 280 7.77 16.42 -17.94
C PRO A 280 7.01 15.14 -17.67
N ILE A 281 7.52 13.99 -18.18
CA ILE A 281 7.07 12.69 -17.71
C ILE A 281 8.34 12.00 -17.32
N LYS A 282 8.41 11.47 -16.06
CA LYS A 282 9.53 10.69 -15.57
C LYS A 282 9.71 9.40 -16.32
N LEU A 283 8.58 8.73 -16.63
CA LEU A 283 8.39 7.49 -17.34
C LEU A 283 8.47 6.32 -16.39
N PHE A 284 8.81 6.60 -15.11
CA PHE A 284 8.55 5.72 -13.99
C PHE A 284 7.25 6.17 -13.36
N TYR A 285 6.77 7.36 -13.79
CA TYR A 285 5.45 7.89 -13.56
C TYR A 285 4.48 7.07 -14.35
N THR A 286 3.28 6.79 -13.78
CA THR A 286 2.15 6.12 -14.42
C THR A 286 2.42 4.64 -14.64
N SER A 287 3.44 4.11 -13.95
CA SER A 287 4.03 2.82 -14.19
C SER A 287 4.14 2.13 -12.86
N ASN A 288 4.41 2.95 -11.81
CA ASN A 288 4.56 2.56 -10.42
C ASN A 288 3.32 1.94 -9.83
N ILE A 289 2.11 2.49 -10.15
CA ILE A 289 0.83 2.13 -9.59
C ILE A 289 0.47 0.67 -9.85
N PRO A 290 0.65 0.06 -11.03
CA PRO A 290 0.43 -1.36 -11.25
C PRO A 290 1.24 -2.27 -10.37
N ILE A 291 2.52 -1.92 -10.11
CA ILE A 291 3.48 -2.68 -9.35
C ILE A 291 3.04 -2.86 -7.91
N ILE A 292 2.43 -1.81 -7.30
CA ILE A 292 1.93 -1.86 -5.93
C ILE A 292 0.84 -2.90 -5.82
N LEU A 293 -0.08 -2.96 -6.81
CA LEU A 293 -1.12 -3.95 -6.93
C LEU A 293 -0.58 -5.35 -7.14
N GLN A 294 0.48 -5.50 -7.98
CA GLN A 294 1.13 -6.75 -8.30
C GLN A 294 1.76 -7.38 -7.08
N SER A 295 2.43 -6.57 -6.24
CA SER A 295 2.96 -7.01 -4.97
C SER A 295 1.86 -7.45 -4.05
N ALA A 296 0.74 -6.68 -4.04
CA ALA A 296 -0.31 -6.88 -3.07
C ALA A 296 -1.06 -8.18 -3.14
N LEU A 297 -1.46 -8.66 -4.34
CA LEU A 297 -2.18 -9.92 -4.42
C LEU A 297 -1.40 -11.12 -3.98
N VAL A 298 -0.12 -11.17 -4.41
CA VAL A 298 0.77 -12.29 -4.21
C VAL A 298 1.13 -12.55 -2.76
N SER A 299 1.40 -11.46 -1.98
CA SER A 299 1.76 -11.56 -0.59
C SER A 299 0.65 -12.08 0.29
N ASN A 300 -0.60 -11.62 0.04
CA ASN A 300 -1.82 -12.07 0.65
C ASN A 300 -2.13 -13.51 0.36
N LEU A 301 -1.91 -13.93 -0.91
CA LEU A 301 -2.13 -15.27 -1.40
C LEU A 301 -1.31 -16.26 -0.61
N TYR A 302 -0.06 -15.89 -0.25
CA TYR A 302 0.84 -16.72 0.52
C TYR A 302 0.33 -17.02 1.93
N VAL A 303 -0.22 -16.02 2.68
CA VAL A 303 -0.78 -16.24 4.01
C VAL A 303 -2.02 -17.12 4.02
N ILE A 304 -2.92 -16.97 3.01
CA ILE A 304 -4.24 -17.57 3.03
C ILE A 304 -4.24 -19.05 2.75
N SER A 305 -3.38 -19.48 1.80
CA SER A 305 -3.37 -20.76 1.13
C SER A 305 -3.55 -21.98 2.01
N GLN A 306 -2.86 -22.02 3.17
CA GLN A 306 -2.97 -22.99 4.25
C GLN A 306 -4.38 -23.44 4.59
N MET A 307 -5.35 -22.49 4.62
CA MET A 307 -6.74 -22.71 4.94
C MET A 307 -7.45 -23.51 3.87
N LEU A 308 -7.17 -23.19 2.58
CA LEU A 308 -7.77 -23.81 1.42
C LEU A 308 -7.41 -25.26 1.34
N SER A 309 -6.10 -25.56 1.50
CA SER A 309 -5.55 -26.89 1.36
C SER A 309 -6.03 -27.82 2.44
N ALA A 310 -5.70 -27.46 3.70
CA ALA A 310 -5.79 -28.35 4.83
C ALA A 310 -7.18 -28.42 5.41
N ARG A 311 -7.96 -27.31 5.36
CA ARG A 311 -9.06 -27.14 6.29
C ARG A 311 -10.31 -26.63 5.60
N PHE A 312 -10.46 -26.79 4.25
CA PHE A 312 -11.67 -26.32 3.62
C PHE A 312 -12.44 -27.52 3.13
N SER A 313 -12.21 -27.98 1.87
CA SER A 313 -12.85 -29.18 1.36
C SER A 313 -11.84 -30.00 0.63
N GLY A 314 -12.33 -31.13 0.07
CA GLY A 314 -12.05 -31.71 -1.22
C GLY A 314 -10.70 -32.30 -1.54
N ASN A 315 -9.61 -31.52 -1.34
CA ASN A 315 -8.29 -31.80 -1.87
C ASN A 315 -7.49 -32.73 -0.98
N LEU A 316 -7.81 -34.04 -1.08
CA LEU A 316 -7.12 -35.11 -0.39
C LEU A 316 -6.45 -35.88 -1.49
N LEU A 317 -7.24 -36.73 -2.20
CA LEU A 317 -6.83 -37.51 -3.35
C LEU A 317 -6.46 -36.61 -4.51
N VAL A 318 -7.20 -35.49 -4.67
CA VAL A 318 -7.04 -34.52 -5.74
C VAL A 318 -5.67 -33.89 -5.71
N SER A 319 -5.13 -33.63 -4.50
CA SER A 319 -3.81 -33.08 -4.29
C SER A 319 -2.72 -33.95 -4.86
N LEU A 320 -2.80 -35.28 -4.58
CA LEU A 320 -1.86 -36.29 -5.01
C LEU A 320 -1.84 -36.41 -6.52
N LEU A 321 -3.05 -36.44 -7.13
CA LEU A 321 -3.27 -36.61 -8.54
C LEU A 321 -2.69 -35.46 -9.34
N GLY A 322 -2.96 -34.22 -8.90
CA GLY A 322 -2.58 -33.02 -9.60
C GLY A 322 -1.11 -32.76 -9.48
N THR A 323 -0.59 -32.69 -8.23
CA THR A 323 0.82 -32.53 -7.92
C THR A 323 1.61 -33.75 -8.32
N TRP A 324 2.19 -33.72 -9.53
CA TRP A 324 3.12 -34.69 -10.06
C TRP A 324 4.42 -34.75 -9.28
N SER A 325 4.76 -33.63 -8.60
CA SER A 325 5.86 -33.41 -7.66
C SER A 325 6.66 -32.22 -8.12
N ASP A 326 6.46 -31.77 -9.39
CA ASP A 326 7.19 -30.66 -9.97
C ASP A 326 6.91 -29.36 -9.25
N THR A 327 5.62 -29.15 -8.88
CA THR A 327 5.05 -28.12 -8.02
C THR A 327 3.69 -27.86 -8.63
N SER A 328 2.61 -28.06 -7.82
CA SER A 328 1.26 -27.78 -8.22
C SER A 328 0.52 -27.34 -6.99
N SER A 329 -0.48 -26.44 -7.17
CA SER A 329 -1.24 -25.75 -6.15
C SER A 329 -2.10 -26.70 -5.36
N GLY A 330 -2.25 -26.41 -4.04
CA GLY A 330 -2.86 -27.28 -3.05
C GLY A 330 -2.20 -28.62 -2.92
N GLY A 331 -0.85 -28.65 -2.98
CA GLY A 331 -0.04 -29.84 -2.94
C GLY A 331 -0.15 -30.61 -1.65
N PRO A 332 -0.05 -31.95 -1.70
CA PRO A 332 -0.16 -32.83 -0.55
C PRO A 332 0.96 -32.66 0.45
N ALA A 333 0.65 -32.82 1.76
CA ALA A 333 1.62 -32.94 2.84
C ALA A 333 2.60 -31.80 2.95
N ARG A 334 2.12 -30.54 2.80
CA ARG A 334 2.97 -29.37 2.76
C ARG A 334 2.69 -28.62 4.02
N ALA A 335 3.79 -28.22 4.72
CA ALA A 335 3.75 -27.55 5.99
C ALA A 335 4.35 -26.19 5.74
N TYR A 336 3.71 -25.16 6.33
CA TYR A 336 3.81 -23.73 6.05
C TYR A 336 2.87 -23.43 4.89
N PRO A 337 2.91 -22.33 4.12
CA PRO A 337 2.03 -22.16 2.97
C PRO A 337 2.21 -23.20 1.90
N VAL A 338 1.08 -23.64 1.28
CA VAL A 338 1.01 -24.83 0.47
C VAL A 338 1.86 -24.73 -0.79
N GLY A 339 2.47 -25.85 -1.20
CA GLY A 339 3.32 -25.94 -2.38
C GLY A 339 2.50 -25.72 -3.62
N GLY A 340 3.15 -25.20 -4.67
CA GLY A 340 2.46 -24.67 -5.83
C GLY A 340 2.87 -23.26 -5.98
N LEU A 341 1.90 -22.35 -5.71
CA LEU A 341 1.98 -20.93 -5.93
C LEU A 341 3.02 -20.31 -5.02
N CYS A 342 2.97 -20.71 -3.73
CA CYS A 342 3.85 -20.29 -2.68
C CYS A 342 5.27 -20.76 -2.86
N HIS A 343 5.43 -22.01 -3.39
CA HIS A 343 6.71 -22.68 -3.55
C HIS A 343 7.68 -21.93 -4.44
N TYR A 344 7.21 -21.35 -5.57
CA TYR A 344 8.03 -20.52 -6.43
C TYR A 344 8.24 -19.15 -5.85
N LEU A 345 7.29 -18.69 -5.00
CA LEU A 345 7.20 -17.34 -4.50
C LEU A 345 8.26 -16.99 -3.50
N SER A 346 9.01 -17.99 -2.97
CA SER A 346 9.90 -17.73 -1.88
C SER A 346 10.68 -19.00 -1.60
N PRO A 347 11.71 -18.96 -0.75
CA PRO A 347 12.59 -20.11 -0.55
C PRO A 347 12.30 -20.48 0.90
N PRO A 348 13.18 -20.78 1.87
CA PRO A 348 12.91 -20.75 3.30
C PRO A 348 12.16 -19.53 3.75
N GLU A 349 12.66 -18.33 3.32
CA GLU A 349 12.32 -16.97 3.66
C GLU A 349 13.60 -16.44 4.21
N SER A 350 14.06 -16.97 5.37
CA SER A 350 15.33 -16.73 6.04
C SER A 350 15.90 -15.32 6.08
N PHE A 351 15.07 -14.28 5.80
CA PHE A 351 15.44 -12.91 5.50
C PHE A 351 16.55 -12.77 4.49
N GLY A 352 16.48 -13.59 3.41
CA GLY A 352 17.35 -13.51 2.26
C GLY A 352 18.69 -14.13 2.45
N SER A 353 18.93 -14.84 3.58
CA SER A 353 20.25 -15.27 3.95
C SER A 353 20.52 -16.67 3.47
N VAL A 354 19.46 -17.42 3.09
CA VAL A 354 19.59 -18.68 2.39
C VAL A 354 18.78 -18.49 1.14
N LEU A 355 19.45 -18.53 0.00
CA LEU A 355 18.78 -18.37 -1.30
C LEU A 355 19.46 -19.22 -2.36
N GLU A 356 20.55 -19.89 -1.98
CA GLU A 356 21.28 -20.74 -2.90
C GLU A 356 20.50 -22.00 -3.25
N ASP A 357 19.18 -21.90 -3.20
CA ASP A 357 18.32 -23.03 -3.51
C ASP A 357 17.98 -23.08 -5.01
N PRO A 358 19.02 -23.06 -5.84
CA PRO A 358 18.83 -23.09 -7.29
C PRO A 358 17.51 -23.75 -7.68
N VAL A 359 16.43 -22.97 -7.64
CA VAL A 359 15.10 -23.48 -7.99
C VAL A 359 14.00 -22.66 -7.34
N HIS A 360 14.35 -21.94 -6.29
CA HIS A 360 13.40 -21.10 -5.57
C HIS A 360 13.66 -19.63 -5.84
N ALA A 361 14.90 -19.20 -5.64
CA ALA A 361 15.28 -17.82 -5.85
C ALA A 361 15.17 -17.42 -7.30
N VAL A 362 15.57 -18.33 -8.23
CA VAL A 362 15.56 -18.08 -9.66
C VAL A 362 14.15 -17.87 -10.18
N VAL A 363 13.21 -18.76 -9.77
CA VAL A 363 11.82 -18.75 -10.16
C VAL A 363 11.09 -17.54 -9.62
N TYR A 364 11.42 -17.10 -8.38
CA TYR A 364 10.84 -15.96 -7.69
C TYR A 364 11.08 -14.69 -8.49
N ILE A 365 12.33 -14.47 -8.97
CA ILE A 365 12.73 -13.29 -9.71
C ILE A 365 11.98 -13.23 -11.03
N VAL A 366 11.92 -14.36 -11.78
CA VAL A 366 11.40 -14.43 -13.12
C VAL A 366 9.90 -14.31 -13.14
N PHE A 367 9.19 -14.93 -12.16
CA PHE A 367 7.74 -14.93 -12.11
C PHE A 367 7.21 -13.54 -11.85
N MET A 368 7.83 -12.81 -10.90
CA MET A 368 7.44 -11.47 -10.51
C MET A 368 7.68 -10.50 -11.63
N LEU A 369 8.80 -10.67 -12.37
CA LEU A 369 9.21 -9.87 -13.51
C LEU A 369 8.19 -9.94 -14.63
N GLY A 370 7.65 -11.15 -14.90
CA GLY A 370 6.71 -11.38 -15.98
C GLY A 370 5.33 -10.88 -15.63
N SER A 371 4.96 -10.97 -14.34
CA SER A 371 3.67 -10.54 -13.82
C SER A 371 3.57 -9.04 -13.82
N CYS A 372 4.68 -8.34 -13.49
CA CYS A 372 4.76 -6.90 -13.41
C CYS A 372 4.58 -6.27 -14.76
N ALA A 373 5.19 -6.87 -15.81
CA ALA A 373 5.10 -6.36 -17.16
C ALA A 373 3.71 -6.54 -17.73
N PHE A 374 2.98 -7.59 -17.31
CA PHE A 374 1.60 -7.82 -17.71
C PHE A 374 0.68 -6.73 -17.21
N PHE A 375 0.84 -6.30 -15.93
CA PHE A 375 -0.03 -5.32 -15.32
C PHE A 375 0.28 -3.92 -15.78
N SER A 376 1.52 -3.69 -16.28
CA SER A 376 1.93 -2.43 -16.86
C SER A 376 1.23 -2.21 -18.18
N LYS A 377 1.06 -3.29 -18.98
CA LYS A 377 0.48 -3.24 -20.29
C LYS A 377 -1.02 -3.11 -20.24
N THR A 378 -1.67 -3.61 -19.16
CA THR A 378 -3.12 -3.53 -19.02
C THR A 378 -3.52 -2.20 -18.40
N TRP A 379 -2.54 -1.48 -17.82
CA TRP A 379 -2.73 -0.17 -17.23
C TRP A 379 -2.94 0.86 -18.30
N ILE A 380 -2.37 0.64 -19.50
CA ILE A 380 -2.36 1.56 -20.60
C ILE A 380 -3.77 1.85 -21.07
N GLU A 381 -4.61 0.79 -21.16
CA GLU A 381 -5.80 0.75 -21.99
C GLU A 381 -6.80 1.86 -21.74
N VAL A 382 -7.41 1.90 -20.53
CA VAL A 382 -8.49 2.83 -20.23
C VAL A 382 -8.48 3.06 -18.74
N SER A 383 -7.40 2.65 -18.05
CA SER A 383 -7.27 2.73 -16.62
C SER A 383 -6.12 3.64 -16.29
N GLY A 384 -5.39 4.10 -17.32
CA GLY A 384 -4.26 4.97 -17.12
C GLY A 384 -3.95 5.65 -18.41
N SER A 385 -2.64 5.83 -18.67
CA SER A 385 -2.11 6.66 -19.71
C SER A 385 -1.88 5.88 -20.97
N SER A 386 -2.47 6.38 -22.08
CA SER A 386 -2.31 5.82 -23.40
C SER A 386 -2.15 7.01 -24.29
N ALA A 387 -1.68 6.76 -25.53
CA ALA A 387 -1.28 7.80 -26.45
C ALA A 387 -2.47 8.52 -27.03
N LYS A 388 -3.64 7.85 -27.08
CA LYS A 388 -4.88 8.45 -27.51
C LYS A 388 -5.41 9.45 -26.51
N ASP A 389 -5.23 9.19 -25.19
CA ASP A 389 -5.65 10.06 -24.11
C ASP A 389 -4.86 11.34 -24.12
N VAL A 390 -3.52 11.21 -24.30
CA VAL A 390 -2.56 12.29 -24.29
C VAL A 390 -2.75 13.15 -25.51
N ALA A 391 -3.20 12.56 -26.65
CA ALA A 391 -3.46 13.27 -27.87
C ALA A 391 -4.53 14.32 -27.71
N LYS A 392 -5.64 13.95 -27.02
CA LYS A 392 -6.72 14.86 -26.76
C LYS A 392 -6.35 15.96 -25.81
N GLN A 393 -5.55 15.65 -24.76
CA GLN A 393 -5.12 16.62 -23.78
C GLN A 393 -4.21 17.69 -24.33
N LEU A 394 -3.31 17.33 -25.29
CA LEU A 394 -2.38 18.27 -25.89
C LEU A 394 -3.00 19.07 -26.99
N LYS A 395 -4.21 18.66 -27.46
CA LYS A 395 -5.05 19.44 -28.35
C LYS A 395 -5.70 20.55 -27.57
N GLU A 396 -6.07 20.29 -26.29
CA GLU A 396 -6.73 21.28 -25.48
C GLU A 396 -5.76 22.35 -25.04
N GLN A 397 -4.73 22.00 -24.21
CA GLN A 397 -3.73 22.96 -23.81
C GLN A 397 -2.70 23.33 -24.87
N GLN A 398 -2.93 22.97 -26.16
CA GLN A 398 -2.20 23.33 -27.37
C GLN A 398 -0.70 23.46 -27.25
N MET A 399 0.07 22.48 -27.79
CA MET A 399 1.51 22.55 -27.86
C MET A 399 2.08 23.54 -28.87
N VAL A 400 1.20 24.25 -29.64
CA VAL A 400 1.45 25.01 -30.86
C VAL A 400 1.03 24.17 -32.03
N MET A 401 0.32 23.05 -31.74
CA MET A 401 -0.03 21.98 -32.64
C MET A 401 1.13 21.03 -32.75
N ARG A 402 2.21 21.24 -31.94
CA ARG A 402 3.33 20.35 -31.74
C ARG A 402 4.28 20.25 -32.90
N GLY A 403 4.25 21.22 -33.85
CA GLY A 403 5.22 21.22 -34.93
C GLY A 403 4.77 20.37 -36.09
N HIS A 404 3.55 19.79 -35.99
CA HIS A 404 3.20 18.52 -36.56
C HIS A 404 3.04 18.50 -38.06
N ARG A 405 2.97 17.24 -38.55
CA ARG A 405 2.80 16.74 -39.87
C ARG A 405 1.35 16.80 -40.18
N GLU A 406 1.06 16.82 -41.52
CA GLU A 406 -0.04 17.20 -42.40
C GLU A 406 -1.42 16.67 -42.04
N THR A 407 -1.57 16.23 -40.77
CA THR A 407 -2.29 15.07 -40.25
C THR A 407 -1.53 13.77 -40.50
N SER A 408 -1.29 13.01 -39.39
CA SER A 408 -0.97 11.61 -39.36
C SER A 408 -0.69 11.52 -37.87
N MET A 409 -1.67 11.98 -37.05
CA MET A 409 -1.57 12.08 -35.61
C MET A 409 -1.46 10.73 -34.99
N VAL A 410 -2.19 9.78 -35.61
CA VAL A 410 -2.35 8.37 -35.31
C VAL A 410 -1.07 7.68 -34.91
N HIS A 411 0.07 7.92 -35.61
CA HIS A 411 1.33 7.40 -35.15
C HIS A 411 1.95 8.45 -34.26
N GLU A 412 2.85 9.30 -34.83
CA GLU A 412 3.56 10.43 -34.27
C GLU A 412 3.92 10.36 -32.80
N LEU A 413 2.97 10.79 -31.94
CA LEU A 413 2.99 10.82 -30.49
C LEU A 413 3.11 9.48 -29.78
N ASN A 414 2.91 8.35 -30.48
CA ASN A 414 2.41 7.12 -29.92
C ASN A 414 3.51 6.29 -29.31
N ARG A 415 4.63 6.10 -30.03
CA ARG A 415 5.49 4.95 -30.00
C ARG A 415 6.21 4.78 -28.68
N TYR A 416 6.52 5.91 -27.98
CA TYR A 416 7.34 5.86 -26.80
C TYR A 416 6.47 5.73 -25.58
N ILE A 417 5.12 5.78 -25.73
CA ILE A 417 4.20 5.64 -24.61
C ILE A 417 3.98 4.20 -24.15
N PRO A 418 3.75 3.13 -24.94
CA PRO A 418 3.68 1.77 -24.44
C PRO A 418 4.98 1.28 -23.89
N THR A 419 6.11 1.68 -24.52
CA THR A 419 7.44 1.28 -24.12
C THR A 419 7.80 1.87 -22.79
N ALA A 420 7.40 3.14 -22.55
CA ALA A 420 7.65 3.86 -21.32
C ALA A 420 6.89 3.28 -20.16
N ALA A 421 5.60 2.93 -20.39
CA ALA A 421 4.74 2.38 -19.36
C ALA A 421 5.22 1.03 -18.91
N ALA A 422 5.64 0.17 -19.88
CA ALA A 422 6.21 -1.11 -19.61
C ALA A 422 7.52 -1.04 -18.87
N PHE A 423 8.44 -0.13 -19.30
CA PHE A 423 9.79 -0.02 -18.79
C PHE A 423 9.83 0.38 -17.35
N GLY A 424 9.01 1.39 -16.98
CA GLY A 424 8.95 1.97 -15.66
C GLY A 424 8.71 0.97 -14.56
N GLY A 425 7.69 0.12 -14.76
CA GLY A 425 7.22 -0.80 -13.76
C GLY A 425 8.02 -2.06 -13.75
N LEU A 426 8.61 -2.43 -14.92
CA LEU A 426 9.43 -3.60 -15.11
C LEU A 426 10.71 -3.51 -14.32
N CYS A 427 11.31 -2.28 -14.26
CA CYS A 427 12.51 -2.01 -13.51
C CYS A 427 12.27 -2.15 -12.03
N ILE A 428 11.13 -1.60 -11.53
CA ILE A 428 10.80 -1.59 -10.12
C ILE A 428 10.49 -2.99 -9.66
N GLY A 429 9.75 -3.78 -10.47
CA GLY A 429 9.37 -5.13 -10.14
C GLY A 429 10.51 -6.11 -10.09
N ALA A 430 11.56 -5.87 -10.90
CA ALA A 430 12.79 -6.62 -10.91
C ALA A 430 13.56 -6.36 -9.64
N LEU A 431 13.65 -5.07 -9.27
CA LEU A 431 14.42 -4.54 -8.17
C LEU A 431 13.88 -5.00 -6.85
N SER A 432 12.53 -5.13 -6.71
CA SER A 432 11.86 -5.41 -5.47
C SER A 432 12.22 -6.76 -4.90
N VAL A 433 12.32 -7.80 -5.76
CA VAL A 433 12.64 -9.15 -5.34
C VAL A 433 14.06 -9.24 -4.81
N LEU A 434 15.01 -8.55 -5.47
CA LEU A 434 16.39 -8.49 -5.08
C LEU A 434 16.60 -7.68 -3.83
N ALA A 435 15.74 -6.67 -3.61
CA ALA A 435 15.75 -5.73 -2.51
C ALA A 435 15.47 -6.38 -1.19
N ASP A 436 14.59 -7.42 -1.18
CA ASP A 436 14.24 -8.22 -0.02
C ASP A 436 15.45 -8.93 0.50
N PHE A 437 16.27 -9.46 -0.43
CA PHE A 437 17.46 -10.25 -0.18
C PHE A 437 18.54 -9.42 0.47
N LEU A 438 18.72 -8.16 -0.01
CA LEU A 438 19.80 -7.28 0.42
C LEU A 438 19.62 -6.86 1.85
N GLY A 439 18.39 -6.47 2.26
CA GLY A 439 18.11 -6.23 3.65
C GLY A 439 17.01 -5.25 3.80
N ALA A 440 15.81 -5.76 4.11
CA ALA A 440 14.72 -5.14 4.83
C ALA A 440 15.01 -5.18 6.31
N ILE A 441 14.20 -4.45 7.14
CA ILE A 441 14.63 -3.81 8.37
C ILE A 441 14.54 -4.75 9.56
N GLY A 442 13.74 -4.41 10.60
CA GLY A 442 13.37 -5.20 11.75
C GLY A 442 12.49 -6.32 11.29
N SER A 443 11.62 -5.98 10.32
CA SER A 443 10.65 -6.82 9.67
C SER A 443 11.39 -7.83 8.83
N GLY A 444 12.45 -7.39 8.10
CA GLY A 444 13.26 -8.30 7.32
C GLY A 444 12.72 -8.61 5.96
N THR A 445 11.44 -8.25 5.66
CA THR A 445 10.91 -8.32 4.31
C THR A 445 10.18 -7.01 4.03
N GLY A 446 9.62 -6.37 5.07
CA GLY A 446 8.59 -5.36 4.98
C GLY A 446 8.90 -4.02 4.36
N ILE A 447 10.13 -3.46 4.48
CA ILE A 447 10.40 -2.05 4.21
C ILE A 447 10.10 -1.57 2.80
N LEU A 448 10.60 -2.31 1.77
CA LEU A 448 10.83 -1.86 0.42
C LEU A 448 9.63 -1.27 -0.27
N LEU A 449 8.44 -1.90 -0.11
CA LEU A 449 7.23 -1.48 -0.76
C LEU A 449 6.78 -0.11 -0.32
N ALA A 450 6.78 0.16 1.01
CA ALA A 450 6.36 1.40 1.59
C ALA A 450 7.17 2.62 1.22
N VAL A 451 8.52 2.49 1.22
CA VAL A 451 9.47 3.55 0.97
C VAL A 451 9.38 4.11 -0.43
N THR A 452 9.20 3.23 -1.44
CA THR A 452 9.12 3.55 -2.86
C THR A 452 7.94 4.45 -3.11
N ILE A 453 6.81 4.16 -2.42
CA ILE A 453 5.54 4.84 -2.51
C ILE A 453 5.67 6.29 -2.08
N ILE A 454 6.43 6.61 -1.01
CA ILE A 454 6.52 7.95 -0.45
C ILE A 454 7.05 8.93 -1.47
N TYR A 455 8.10 8.57 -2.26
CA TYR A 455 8.64 9.41 -3.30
C TYR A 455 7.65 9.72 -4.40
N GLN A 456 6.87 8.70 -4.84
CA GLN A 456 5.86 8.82 -5.86
C GLN A 456 4.74 9.73 -5.44
N TYR A 457 4.26 9.55 -4.17
CA TYR A 457 3.20 10.27 -3.53
C TYR A 457 3.49 11.75 -3.42
N PHE A 458 4.76 12.12 -3.13
CA PHE A 458 5.20 13.49 -2.95
C PHE A 458 4.97 14.30 -4.21
N GLU A 459 5.25 13.70 -5.39
CA GLU A 459 4.94 14.27 -6.68
C GLU A 459 3.46 14.48 -6.90
N ILE A 460 2.58 13.54 -6.46
CA ILE A 460 1.13 13.72 -6.54
C ILE A 460 0.69 14.89 -5.68
N PHE A 461 1.30 15.00 -4.48
CA PHE A 461 0.95 15.93 -3.44
C PHE A 461 1.12 17.38 -3.81
N VAL A 462 2.24 17.74 -4.50
CA VAL A 462 2.58 19.13 -4.70
C VAL A 462 2.55 19.50 -6.17
N LYS A 463 3.08 18.62 -7.05
CA LYS A 463 3.25 18.95 -8.46
C LYS A 463 1.96 19.04 -9.21
N GLU A 464 1.01 18.11 -8.92
CA GLU A 464 -0.31 18.07 -9.50
C GLU A 464 -1.15 19.24 -9.05
N GLN A 465 -0.97 19.65 -7.77
CA GLN A 465 -1.63 20.76 -7.14
C GLN A 465 -1.43 22.09 -7.88
N SER A 466 -0.36 22.17 -8.71
CA SER A 466 -0.19 23.15 -9.79
C SER A 466 -0.18 24.60 -9.37
N GLU A 467 0.28 24.88 -8.13
CA GLU A 467 0.09 26.16 -7.51
C GLU A 467 1.07 26.16 -6.39
N VAL A 468 0.67 25.63 -5.20
CA VAL A 468 1.48 25.60 -4.01
C VAL A 468 1.62 24.12 -3.74
N GLY A 469 1.48 23.65 -2.48
CA GLY A 469 1.83 22.31 -2.09
C GLY A 469 0.85 21.90 -1.06
N SER A 470 1.39 21.26 0.02
CA SER A 470 0.74 20.74 1.19
C SER A 470 -0.18 21.71 1.91
N MET A 471 -0.63 21.34 3.13
CA MET A 471 -1.52 22.16 3.91
C MET A 471 -1.27 21.70 5.33
N GLY A 472 -1.81 22.46 6.31
CA GLY A 472 -1.58 22.25 7.72
C GLY A 472 -0.40 23.10 8.11
N ALA A 473 -0.07 23.10 9.42
CA ALA A 473 1.06 23.81 9.98
C ALA A 473 0.97 25.31 9.78
N LEU A 474 -0.25 25.88 9.92
CA LEU A 474 -0.48 27.29 9.75
C LEU A 474 -1.40 27.72 10.87
N LEU A 475 -2.67 27.26 10.86
CA LEU A 475 -3.78 27.46 11.79
C LEU A 475 -4.92 28.07 11.02
N PHE A 476 -6.14 27.93 11.61
CA PHE A 476 -7.41 28.47 11.19
C PHE A 476 -8.19 27.32 10.55
N PHE B 7 7.26 -14.35 -21.83
CA PHE B 7 8.21 -13.40 -21.21
C PHE B 7 9.16 -12.76 -22.20
N VAL B 8 9.31 -13.37 -23.42
CA VAL B 8 10.18 -12.90 -24.47
C VAL B 8 9.83 -11.52 -24.97
N GLU B 9 8.53 -11.21 -25.20
CA GLU B 9 8.10 -9.90 -25.63
C GLU B 9 8.33 -8.79 -24.60
N PRO B 10 8.11 -8.93 -23.29
CA PRO B 10 8.44 -7.89 -22.33
C PRO B 10 9.90 -7.54 -22.26
N SER B 11 10.80 -8.56 -22.30
CA SER B 11 12.23 -8.38 -22.30
C SER B 11 12.73 -7.63 -23.52
N ARG B 12 12.17 -7.94 -24.72
CA ARG B 12 12.48 -7.30 -25.98
C ARG B 12 12.13 -5.83 -25.98
N GLN B 13 10.95 -5.44 -25.43
CA GLN B 13 10.57 -4.06 -25.27
C GLN B 13 11.49 -3.31 -24.34
N PHE B 14 11.90 -3.96 -23.23
CA PHE B 14 12.71 -3.37 -22.19
C PHE B 14 14.09 -2.95 -22.64
N VAL B 15 14.77 -3.81 -23.44
CA VAL B 15 16.06 -3.52 -24.05
C VAL B 15 15.99 -2.38 -25.04
N LYS B 16 14.93 -2.36 -25.88
CA LYS B 16 14.72 -1.33 -26.89
C LYS B 16 14.52 0.03 -26.29
N ASP B 17 13.73 0.15 -25.19
CA ASP B 17 13.50 1.40 -24.52
C ASP B 17 14.77 1.96 -23.91
N SER B 18 15.58 1.09 -23.27
CA SER B 18 16.72 1.47 -22.47
C SER B 18 17.81 2.17 -23.24
N ILE B 19 18.13 1.68 -24.46
CA ILE B 19 19.23 2.19 -25.25
C ILE B 19 19.05 3.65 -25.64
N ARG B 20 17.83 4.07 -26.08
CA ARG B 20 17.55 5.48 -26.29
C ARG B 20 17.60 6.26 -24.99
N LEU B 21 17.03 5.66 -23.91
CA LEU B 21 16.79 6.34 -22.67
C LEU B 21 18.03 6.79 -21.94
N VAL B 22 19.11 5.97 -21.95
CA VAL B 22 20.37 6.29 -21.30
C VAL B 22 21.04 7.52 -21.86
N LYS B 23 20.99 7.69 -23.21
CA LYS B 23 21.70 8.72 -23.92
C LYS B 23 20.95 10.02 -23.94
N ARG B 24 19.59 9.98 -23.99
CA ARG B 24 18.78 11.18 -24.19
C ARG B 24 18.24 11.65 -22.85
N CYS B 25 18.55 10.95 -21.75
CA CYS B 25 18.19 11.33 -20.41
C CYS B 25 19.45 11.45 -19.61
N THR B 26 19.39 12.24 -18.52
CA THR B 26 20.47 12.39 -17.58
C THR B 26 19.77 12.39 -16.24
N LYS B 27 20.51 11.96 -15.19
CA LYS B 27 20.14 11.94 -13.78
C LYS B 27 19.49 13.23 -13.24
N PRO B 28 19.16 13.32 -11.96
CA PRO B 28 18.84 14.56 -11.26
C PRO B 28 19.91 15.64 -11.13
N ASP B 29 20.72 15.93 -12.18
CA ASP B 29 21.62 17.07 -12.36
C ASP B 29 22.04 17.84 -11.12
N ARG B 30 22.91 17.21 -10.29
CA ARG B 30 23.31 17.51 -8.93
C ARG B 30 22.26 17.96 -7.93
N LYS B 31 21.64 19.14 -8.14
CA LYS B 31 20.78 19.84 -7.22
C LYS B 31 19.51 19.10 -6.90
N GLU B 32 18.87 18.52 -7.94
CA GLU B 32 17.56 17.90 -7.87
C GLU B 32 17.50 16.68 -6.98
N PHE B 33 18.52 15.77 -6.98
CA PHE B 33 18.48 14.55 -6.16
C PHE B 33 18.46 14.87 -4.69
N GLN B 34 19.27 15.87 -4.26
CA GLN B 34 19.29 16.36 -2.91
C GLN B 34 17.97 16.97 -2.52
N LYS B 35 17.36 17.77 -3.43
CA LYS B 35 16.13 18.48 -3.19
C LYS B 35 14.93 17.60 -2.91
N ILE B 36 14.74 16.52 -3.72
CA ILE B 36 13.72 15.49 -3.52
C ILE B 36 13.91 14.70 -2.26
N ALA B 37 15.18 14.33 -1.94
CA ALA B 37 15.58 13.56 -0.79
C ALA B 37 15.28 14.29 0.50
N MET B 38 15.57 15.61 0.52
CA MET B 38 15.33 16.52 1.62
C MET B 38 13.86 16.64 1.95
N ALA B 39 13.00 16.74 0.90
CA ALA B 39 11.57 16.83 1.02
C ALA B 39 10.97 15.60 1.65
N THR B 40 11.48 14.41 1.24
CA THR B 40 11.11 13.11 1.72
C THR B 40 11.43 12.94 3.18
N ALA B 41 12.62 13.44 3.63
CA ALA B 41 13.09 13.33 4.99
C ALA B 41 12.20 14.04 5.97
N ILE B 42 11.73 15.27 5.62
CA ILE B 42 10.79 16.06 6.39
C ILE B 42 9.47 15.33 6.48
N GLY B 43 9.02 14.74 5.35
CA GLY B 43 7.77 14.04 5.20
C GLY B 43 7.67 12.82 6.07
N PHE B 44 8.79 12.07 6.19
CA PHE B 44 8.95 10.81 6.87
C PHE B 44 8.68 10.99 8.35
N ALA B 45 9.18 12.11 8.91
CA ALA B 45 9.05 12.50 10.30
C ALA B 45 7.60 12.68 10.69
N ILE B 46 6.78 13.30 9.81
CA ILE B 46 5.37 13.58 10.04
C ILE B 46 4.59 12.28 10.19
N MET B 47 4.90 11.27 9.35
CA MET B 47 4.17 10.02 9.24
C MET B 47 4.18 9.19 10.51
N GLY B 48 5.34 9.12 11.21
CA GLY B 48 5.57 8.12 12.22
C GLY B 48 5.64 8.70 13.60
N PHE B 49 6.03 10.00 13.72
CA PHE B 49 6.23 10.65 14.99
C PHE B 49 4.91 11.09 15.59
N ILE B 50 3.83 11.14 14.78
CA ILE B 50 2.49 11.38 15.25
C ILE B 50 2.03 10.18 16.06
N GLY B 51 2.41 8.95 15.62
CA GLY B 51 2.14 7.72 16.32
C GLY B 51 2.96 7.60 17.58
N PHE B 52 4.15 8.26 17.64
CA PHE B 52 4.97 8.29 18.83
C PHE B 52 4.32 9.13 19.90
N PHE B 53 3.72 10.29 19.52
CA PHE B 53 3.23 11.23 20.49
C PHE B 53 1.98 10.77 21.19
N VAL B 54 1.08 10.02 20.50
CA VAL B 54 -0.12 9.54 21.13
C VAL B 54 0.14 8.50 22.19
N LYS B 55 1.07 7.56 21.92
CA LYS B 55 1.42 6.50 22.84
C LYS B 55 2.15 7.00 24.06
N LEU B 56 2.90 8.12 23.91
CA LEU B 56 3.67 8.75 24.96
C LEU B 56 2.78 9.25 26.07
N ILE B 57 1.65 9.87 25.69
CA ILE B 57 0.66 10.39 26.61
C ILE B 57 -0.12 9.28 27.28
N HIS B 58 -0.55 8.26 26.50
CA HIS B 58 -1.62 7.38 26.90
C HIS B 58 -1.23 6.36 27.94
N ILE B 59 -0.07 5.68 27.77
CA ILE B 59 0.35 4.64 28.70
C ILE B 59 0.72 5.13 30.10
N PRO B 60 1.38 6.27 30.42
CA PRO B 60 1.83 6.48 31.79
C PRO B 60 0.78 7.05 32.69
N ILE B 61 -0.49 7.20 32.22
CA ILE B 61 -1.60 7.66 33.01
C ILE B 61 -1.96 6.64 34.07
N ASN B 62 -2.02 5.35 33.65
CA ASN B 62 -2.37 4.22 34.50
C ASN B 62 -1.27 3.94 35.50
N ASN B 63 0.01 3.94 35.08
CA ASN B 63 1.11 3.87 36.00
C ASN B 63 2.22 4.58 35.29
N ILE B 64 2.86 5.54 36.00
CA ILE B 64 3.95 6.37 35.51
C ILE B 64 5.17 5.54 35.19
N ILE B 65 5.63 5.60 33.92
CA ILE B 65 6.80 4.88 33.47
C ILE B 65 7.70 5.83 32.73
N VAL B 66 7.18 7.01 32.29
CA VAL B 66 7.99 8.00 31.64
C VAL B 66 7.25 9.33 31.71
N GLY B 67 5.99 9.31 32.20
CA GLY B 67 5.13 10.47 32.33
C GLY B 67 4.49 10.82 31.02
N GLY B 68 3.30 11.44 31.09
CA GLY B 68 2.57 11.78 29.90
C GLY B 68 1.20 12.30 30.34
N GLU C 61 -27.89 4.77 -5.36
CA GLU C 61 -27.46 5.74 -4.31
C GLU C 61 -28.12 5.40 -3.00
N ASP C 62 -28.27 6.41 -2.11
CA ASP C 62 -28.83 6.26 -0.80
C ASP C 62 -30.03 7.15 -0.75
N SER C 63 -31.08 6.70 -0.02
CA SER C 63 -32.32 7.42 0.17
C SER C 63 -32.16 8.66 1.03
N PRO C 64 -31.45 8.73 2.18
CA PRO C 64 -31.01 9.98 2.77
C PRO C 64 -30.16 10.82 1.84
N GLY C 65 -30.31 12.16 1.92
CA GLY C 65 -29.71 13.12 1.03
C GLY C 65 -28.62 13.84 1.76
N LEU C 66 -28.61 13.70 3.11
CA LEU C 66 -27.68 14.34 4.01
C LEU C 66 -26.82 13.27 4.62
N LYS C 67 -26.94 12.03 4.07
CA LYS C 67 -26.28 10.77 4.34
C LYS C 67 -25.07 10.82 5.24
N VAL C 68 -23.93 11.34 4.72
CA VAL C 68 -22.63 11.20 5.34
C VAL C 68 -22.59 11.86 6.70
N GLY C 69 -23.11 13.11 6.78
CA GLY C 69 -23.40 13.82 8.01
C GLY C 69 -22.20 14.11 8.89
N PRO C 70 -21.94 15.34 9.34
CA PRO C 70 -21.09 15.60 10.49
C PRO C 70 -21.57 14.92 11.76
N VAL C 71 -22.91 14.82 11.95
CA VAL C 71 -23.55 14.26 13.12
C VAL C 71 -23.24 12.79 13.37
N PRO C 72 -23.23 11.84 12.43
CA PRO C 72 -22.91 10.44 12.70
C PRO C 72 -21.52 10.22 13.22
N VAL C 73 -20.51 10.96 12.72
CA VAL C 73 -19.13 10.85 13.13
C VAL C 73 -18.97 11.18 14.60
N LEU C 74 -19.68 12.24 15.07
CA LEU C 74 -19.73 12.67 16.45
C LEU C 74 -20.35 11.63 17.35
N VAL C 75 -21.44 10.96 16.89
CA VAL C 75 -22.14 9.90 17.58
C VAL C 75 -21.24 8.71 17.83
N MET C 76 -20.42 8.30 16.82
CA MET C 76 -19.52 7.17 16.94
C MET C 76 -18.49 7.40 18.02
N SER C 77 -17.93 8.63 18.09
CA SER C 77 -17.00 9.07 19.11
C SER C 77 -17.61 9.07 20.48
N LEU C 78 -18.88 9.52 20.61
CA LEU C 78 -19.61 9.63 21.86
C LEU C 78 -19.84 8.30 22.53
N LEU C 79 -20.21 7.26 21.75
CA LEU C 79 -20.32 5.89 22.21
C LEU C 79 -18.98 5.35 22.65
N PHE C 80 -17.92 5.65 21.84
CA PHE C 80 -16.58 5.11 21.99
C PHE C 80 -15.93 5.50 23.30
N ILE C 81 -16.08 6.78 23.75
CA ILE C 81 -15.39 7.30 24.91
C ILE C 81 -15.79 6.58 26.18
N ALA C 82 -17.10 6.29 26.37
CA ALA C 82 -17.57 5.48 27.48
C ALA C 82 -17.05 4.06 27.44
N SER C 83 -17.00 3.43 26.24
CA SER C 83 -16.57 2.06 26.07
C SER C 83 -15.13 1.79 26.41
N VAL C 84 -14.23 2.74 26.05
CA VAL C 84 -12.81 2.67 26.32
C VAL C 84 -12.44 2.68 27.79
N PHE C 85 -13.13 3.49 28.64
CA PHE C 85 -12.55 3.94 29.89
C PHE C 85 -13.37 3.45 31.06
N MET C 86 -14.72 3.43 30.95
CA MET C 86 -15.57 2.97 32.03
C MET C 86 -15.40 1.48 32.23
N LEU C 87 -15.37 0.73 31.11
CA LEU C 87 -15.22 -0.70 31.05
C LEU C 87 -13.86 -1.16 31.51
N HIS C 88 -12.78 -0.40 31.23
CA HIS C 88 -11.44 -0.90 31.43
C HIS C 88 -10.53 0.24 31.76
N ILE C 89 -9.49 -0.06 32.60
CA ILE C 89 -8.47 0.85 33.04
C ILE C 89 -7.65 1.36 31.87
N TRP C 90 -7.22 2.64 31.96
CA TRP C 90 -6.39 3.27 30.96
C TRP C 90 -5.81 4.50 31.60
N GLY C 91 -6.28 4.86 32.82
CA GLY C 91 -5.84 6.06 33.49
C GLY C 91 -6.23 5.97 34.92
N LYS C 92 -6.18 4.74 35.48
CA LYS C 92 -6.58 4.37 36.83
C LYS C 92 -8.07 4.49 36.97
N TYR C 93 -8.80 3.98 35.95
CA TYR C 93 -10.23 3.88 35.93
C TYR C 93 -10.62 2.57 36.52
N THR C 94 -11.90 2.47 36.98
CA THR C 94 -12.51 1.23 37.39
C THR C 94 -12.63 0.29 36.21
N ARG C 95 -12.50 -1.03 36.47
CA ARG C 95 -12.65 -2.05 35.47
C ARG C 95 -13.93 -2.78 35.81
N SER C 96 -14.82 -2.91 34.80
CA SER C 96 -16.09 -3.56 34.93
C SER C 96 -15.92 -4.98 34.37
N VAL D 1 -12.80 -4.29 -21.42
CA VAL D 1 -12.59 -3.32 -20.29
C VAL D 1 -13.03 -3.95 -19.01
N PHE D 2 -14.27 -4.51 -18.98
CA PHE D 2 -14.84 -5.29 -17.90
C PHE D 2 -13.97 -6.46 -17.56
N ILE D 3 -13.52 -7.22 -18.59
CA ILE D 3 -12.74 -8.44 -18.48
C ILE D 3 -11.46 -8.21 -17.69
N VAL D 4 -10.73 -7.13 -18.01
CA VAL D 4 -9.52 -6.69 -17.35
C VAL D 4 -9.78 -6.39 -15.88
N SER D 5 -10.86 -5.63 -15.60
CA SER D 5 -11.33 -5.24 -14.29
C SER D 5 -11.66 -6.42 -13.40
N VAL D 6 -12.36 -7.44 -13.95
CA VAL D 6 -12.75 -8.68 -13.30
C VAL D 6 -11.53 -9.45 -12.86
N GLY D 7 -10.50 -9.58 -13.73
CA GLY D 7 -9.25 -10.24 -13.43
C GLY D 7 -8.57 -9.66 -12.22
N SER D 8 -8.50 -8.31 -12.19
CA SER D 8 -8.02 -7.51 -11.08
C SER D 8 -8.83 -7.72 -9.82
N PHE D 9 -10.18 -7.82 -9.93
CA PHE D 9 -11.11 -7.96 -8.83
C PHE D 9 -10.92 -9.27 -8.11
N ILE D 10 -10.76 -10.40 -8.83
CA ILE D 10 -10.46 -11.71 -8.26
C ILE D 10 -9.20 -11.68 -7.43
N SER D 11 -8.14 -11.03 -7.95
CA SER D 11 -6.87 -10.87 -7.26
C SER D 11 -7.00 -10.14 -5.93
N VAL D 12 -7.76 -9.03 -5.94
CA VAL D 12 -8.18 -8.23 -4.82
C VAL D 12 -8.96 -9.01 -3.77
N LEU D 13 -9.91 -9.88 -4.21
CA LEU D 13 -10.88 -10.57 -3.39
C LEU D 13 -10.26 -11.35 -2.26
N PHE D 14 -9.19 -12.16 -2.55
CA PHE D 14 -8.43 -12.91 -1.58
C PHE D 14 -7.81 -12.09 -0.47
N ILE D 15 -7.36 -10.85 -0.77
CA ILE D 15 -6.70 -9.95 0.16
C ILE D 15 -7.58 -9.70 1.36
N VAL D 16 -8.86 -9.31 1.15
CA VAL D 16 -9.82 -9.03 2.20
C VAL D 16 -10.14 -10.25 3.05
N ILE D 17 -10.29 -11.43 2.41
CA ILE D 17 -10.55 -12.69 3.07
C ILE D 17 -9.41 -13.04 4.04
#